data_8OGO
#
_entry.id   8OGO
#
_cell.length_a   119.000
_cell.length_b   38.950
_cell.length_c   68.190
_cell.angle_alpha   90.000
_cell.angle_beta   95.610
_cell.angle_gamma   90.000
#
_symmetry.space_group_name_H-M   'C 1 2 1'
#
loop_
_entity.id
_entity.type
_entity.pdbx_description
1 polymer 'Cyclic di-AMP synthase CdaA'
2 non-polymer 3-(propan-2-yl)-1,2,4-oxadiazol-5(4H)-one
3 non-polymer 'MAGNESIUM ION'
4 water water
#
_entity_poly.entity_id   1
_entity_poly.type   'polypeptide(L)'
_entity_poly.pdbx_seq_one_letter_code
;GPTPVEEAQQKTIEAITKAINYMAKRRIGALLTIERDTGMGDYIETGIPLNAKVSSELLINIFIPNTPLHDGAVIMKNNE
IAAAACYLPLSESPFISKELGTRHRAAVGISEVTDSLTIIVSEETGGVSVAKNGDLHRELTEEALKEMLEAEFK
;
_entity_poly.pdbx_strand_id   A,B
#
loop_
_chem_comp.id
_chem_comp.type
_chem_comp.name
_chem_comp.formula
MG non-polymer 'MAGNESIUM ION' 'Mg 2'
TJ1 non-polymer 3-(propan-2-yl)-1,2,4-oxadiazol-5(4H)-one 'C5 H8 N2 O2'
#
# COMPACT_ATOMS: atom_id res chain seq x y z
N THR A 3 -27.20 -2.38 -9.89
CA THR A 3 -27.28 -1.69 -8.59
C THR A 3 -25.90 -1.21 -8.12
N PRO A 4 -25.85 -0.27 -7.16
CA PRO A 4 -24.53 0.12 -6.63
C PRO A 4 -23.71 -1.04 -6.06
N VAL A 5 -24.36 -1.94 -5.30
CA VAL A 5 -23.68 -3.12 -4.76
C VAL A 5 -23.12 -3.99 -5.88
N GLU A 6 -23.90 -4.20 -6.94
CA GLU A 6 -23.44 -5.03 -8.04
C GLU A 6 -22.28 -4.37 -8.78
N GLU A 7 -22.40 -3.07 -9.07
CA GLU A 7 -21.27 -2.37 -9.69
C GLU A 7 -20.01 -2.48 -8.85
N ALA A 8 -20.15 -2.38 -7.52
CA ALA A 8 -18.96 -2.40 -6.67
C ALA A 8 -18.31 -3.77 -6.68
N GLN A 9 -19.11 -4.84 -6.67
CA GLN A 9 -18.56 -6.18 -6.72
C GLN A 9 -17.84 -6.39 -8.04
N GLN A 10 -18.41 -5.91 -9.14
CA GLN A 10 -17.74 -6.14 -10.41
C GLN A 10 -16.43 -5.35 -10.49
N LYS A 11 -16.43 -4.11 -9.99
CA LYS A 11 -15.20 -3.33 -9.93
C LYS A 11 -14.11 -4.05 -9.15
N THR A 12 -14.48 -4.65 -8.00
CA THR A 12 -13.51 -5.35 -7.17
C THR A 12 -12.99 -6.57 -7.90
N ILE A 13 -13.85 -7.33 -8.56
CA ILE A 13 -13.39 -8.49 -9.30
C ILE A 13 -12.43 -8.06 -10.41
N GLU A 14 -12.76 -6.97 -11.12
CA GLU A 14 -11.83 -6.49 -12.15
C GLU A 14 -10.48 -6.08 -11.58
N ALA A 15 -10.47 -5.40 -10.42
CA ALA A 15 -9.20 -5.02 -9.81
C ALA A 15 -8.37 -6.24 -9.44
N ILE A 16 -9.03 -7.26 -8.85
CA ILE A 16 -8.32 -8.47 -8.48
C ILE A 16 -7.75 -9.14 -9.71
N THR A 17 -8.59 -9.41 -10.71
CA THR A 17 -8.08 -10.15 -11.86
C THR A 17 -6.95 -9.40 -12.57
N LYS A 18 -7.02 -8.06 -12.66
CA LYS A 18 -5.92 -7.30 -13.26
C LYS A 18 -4.61 -7.51 -12.49
N ALA A 19 -4.68 -7.41 -11.15
CA ALA A 19 -3.51 -7.60 -10.28
C ALA A 19 -2.95 -9.02 -10.43
N ILE A 20 -3.83 -10.03 -10.40
CA ILE A 20 -3.38 -11.41 -10.52
C ILE A 20 -2.72 -11.64 -11.88
N ASN A 21 -3.31 -11.08 -12.94
CA ASN A 21 -2.71 -11.26 -14.28
C ASN A 21 -1.32 -10.66 -14.33
N TYR A 22 -1.13 -9.47 -13.72
CA TYR A 22 0.19 -8.83 -13.73
C TYR A 22 1.19 -9.68 -12.95
N MET A 23 0.80 -10.20 -11.81
CA MET A 23 1.71 -11.03 -11.01
C MET A 23 2.00 -12.37 -11.68
N ALA A 24 1.01 -12.96 -12.32
CA ALA A 24 1.24 -14.21 -13.03
C ALA A 24 2.28 -14.03 -14.13
N LYS A 25 2.16 -12.94 -14.91
CA LYS A 25 3.15 -12.65 -15.97
C LYS A 25 4.57 -12.50 -15.43
N ARG A 26 4.73 -11.91 -14.24
CA ARG A 26 6.06 -11.65 -13.68
C ARG A 26 6.51 -12.72 -12.71
N ARG A 27 5.68 -13.75 -12.52
CA ARG A 27 5.93 -14.79 -11.54
C ARG A 27 6.24 -14.21 -10.15
N ILE A 28 5.38 -13.27 -9.72
CA ILE A 28 5.40 -12.70 -8.37
C ILE A 28 4.47 -13.58 -7.51
N GLY A 29 5.02 -14.20 -6.48
CA GLY A 29 4.21 -14.99 -5.56
C GLY A 29 3.20 -14.11 -4.84
N ALA A 30 1.98 -14.60 -4.70
CA ALA A 30 0.94 -13.84 -4.05
C ALA A 30 -0.04 -14.80 -3.40
N LEU A 31 -0.69 -14.28 -2.37
CA LEU A 31 -1.65 -15.03 -1.58
C LEU A 31 -2.72 -14.05 -1.16
N LEU A 32 -3.94 -14.29 -1.60
CA LEU A 32 -5.04 -13.34 -1.46
C LEU A 32 -6.31 -14.07 -1.05
N THR A 33 -6.74 -13.88 0.18
CA THR A 33 -7.89 -14.57 0.74
C THR A 33 -9.06 -13.61 0.83
N ILE A 34 -10.23 -14.05 0.38
CA ILE A 34 -11.44 -13.27 0.41
C ILE A 34 -12.36 -13.88 1.45
N GLU A 35 -12.58 -13.16 2.54
CA GLU A 35 -13.53 -13.60 3.55
C GLU A 35 -14.95 -13.70 3.01
N ARG A 36 -15.64 -14.76 3.43
CA ARG A 36 -17.04 -15.00 3.08
C ARG A 36 -17.88 -15.01 4.36
N ASP A 37 -18.66 -16.10 4.65
CA ASP A 37 -19.52 -16.13 5.82
C ASP A 37 -18.77 -16.43 7.10
N THR A 38 -17.67 -17.18 7.02
CA THR A 38 -16.89 -17.49 8.22
C THR A 38 -16.01 -16.29 8.49
N GLY A 39 -16.11 -15.72 9.69
CA GLY A 39 -15.33 -14.56 10.05
C GLY A 39 -13.86 -14.95 10.19
N MET A 40 -13.00 -14.12 9.67
CA MET A 40 -11.56 -14.34 9.72
C MET A 40 -10.81 -13.29 10.51
N GLY A 41 -11.49 -12.65 11.46
CA GLY A 41 -10.84 -11.61 12.26
C GLY A 41 -9.55 -12.06 12.94
N ASP A 42 -9.54 -13.28 13.50
CA ASP A 42 -8.32 -13.71 14.18
C ASP A 42 -7.11 -13.77 13.25
N TYR A 43 -7.32 -14.07 11.97
CA TYR A 43 -6.23 -14.05 11.00
C TYR A 43 -5.91 -12.63 10.54
N ILE A 44 -6.95 -11.81 10.33
CA ILE A 44 -6.73 -10.41 9.95
C ILE A 44 -5.87 -9.70 10.99
N GLU A 45 -6.08 -10.03 12.26
CA GLU A 45 -5.37 -9.37 13.34
C GLU A 45 -3.88 -9.68 13.33
N THR A 46 -3.44 -10.75 12.66
CA THR A 46 -2.03 -11.09 12.64
C THR A 46 -1.23 -10.26 11.62
N GLY A 47 -1.88 -9.56 10.72
CA GLY A 47 -1.22 -8.78 9.70
C GLY A 47 -1.09 -7.31 10.03
N ILE A 48 -0.70 -6.57 9.00
CA ILE A 48 -0.58 -5.12 9.10
C ILE A 48 -1.93 -4.55 8.68
N PRO A 49 -2.62 -3.78 9.55
CA PRO A 49 -3.93 -3.24 9.16
C PRO A 49 -3.81 -2.25 8.03
N LEU A 50 -4.73 -2.36 7.06
CA LEU A 50 -4.86 -1.44 5.94
C LEU A 50 -6.24 -0.80 5.89
N ASN A 51 -7.27 -1.60 5.94
CA ASN A 51 -8.64 -1.16 5.67
C ASN A 51 -8.71 -0.22 4.49
N ALA A 52 -8.13 -0.65 3.38
CA ALA A 52 -7.94 0.19 2.22
C ALA A 52 -8.92 -0.15 1.10
N LYS A 53 -9.26 0.87 0.32
CA LYS A 53 -9.99 0.66 -0.94
C LYS A 53 -9.19 -0.29 -1.83
N VAL A 54 -9.91 -1.19 -2.51
CA VAL A 54 -9.25 -2.09 -3.46
C VAL A 54 -8.83 -1.31 -4.72
N SER A 55 -7.65 -1.60 -5.23
CA SER A 55 -7.27 -1.19 -6.57
C SER A 55 -6.30 -2.24 -7.09
N SER A 56 -6.24 -2.42 -8.40
CA SER A 56 -5.18 -3.30 -8.91
C SER A 56 -3.80 -2.79 -8.52
N GLU A 57 -3.65 -1.46 -8.53
CA GLU A 57 -2.35 -0.84 -8.25
C GLU A 57 -1.92 -1.17 -6.82
N LEU A 58 -2.80 -1.01 -5.85
CA LEU A 58 -2.41 -1.29 -4.46
C LEU A 58 -2.11 -2.78 -4.30
N LEU A 59 -2.90 -3.65 -4.92
CA LEU A 59 -2.62 -5.07 -4.77
C LEU A 59 -1.22 -5.40 -5.31
N ILE A 60 -0.92 -4.91 -6.49
CA ILE A 60 0.42 -5.15 -7.05
C ILE A 60 1.51 -4.62 -6.12
N ASN A 61 1.37 -3.37 -5.63
CA ASN A 61 2.40 -2.77 -4.78
C ASN A 61 2.59 -3.59 -3.50
N ILE A 62 1.53 -4.19 -2.98
CA ILE A 62 1.67 -5.00 -1.77
C ILE A 62 2.62 -6.17 -2.00
N PHE A 63 2.43 -6.90 -3.10
CA PHE A 63 3.12 -8.16 -3.32
C PHE A 63 4.48 -8.05 -4.00
N ILE A 64 5.05 -6.86 -4.12
CA ILE A 64 6.36 -6.79 -4.75
C ILE A 64 7.39 -7.54 -3.90
N PRO A 65 8.22 -8.38 -4.50
CA PRO A 65 9.19 -9.12 -3.71
C PRO A 65 10.13 -8.18 -2.96
N ASN A 66 10.58 -8.62 -1.78
CA ASN A 66 11.58 -7.92 -0.97
C ASN A 66 11.07 -6.59 -0.44
N THR A 67 9.80 -6.57 -0.05
CA THR A 67 9.14 -5.40 0.49
C THR A 67 8.51 -5.79 1.81
N PRO A 68 8.21 -4.80 2.68
CA PRO A 68 7.57 -5.16 3.96
C PRO A 68 6.29 -6.01 3.83
N LEU A 69 5.43 -5.75 2.89
CA LEU A 69 4.09 -6.31 2.96
C LEU A 69 3.90 -7.60 2.21
N HIS A 70 4.91 -8.07 1.50
CA HIS A 70 4.66 -9.18 0.58
C HIS A 70 4.72 -10.54 1.25
N ASP A 71 5.11 -10.62 2.53
CA ASP A 71 5.33 -11.93 3.16
C ASP A 71 4.10 -12.33 3.97
N GLY A 72 3.20 -13.05 3.37
CA GLY A 72 1.97 -13.42 4.04
C GLY A 72 0.80 -13.14 3.16
N ALA A 73 -0.39 -13.31 3.71
CA ALA A 73 -1.60 -13.17 2.92
C ALA A 73 -2.21 -11.78 3.03
N VAL A 74 -2.77 -11.31 1.92
CA VAL A 74 -3.74 -10.22 1.94
C VAL A 74 -5.09 -10.85 2.27
N ILE A 75 -5.87 -10.23 3.16
CA ILE A 75 -7.23 -10.66 3.46
C ILE A 75 -8.15 -9.54 3.11
N MET A 76 -9.09 -9.81 2.24
N MET A 76 -9.11 -9.82 2.27
CA MET A 76 -10.13 -8.90 1.83
CA MET A 76 -10.14 -8.88 1.85
C MET A 76 -11.40 -9.22 2.61
C MET A 76 -11.47 -9.20 2.48
N LYS A 77 -12.18 -8.16 2.89
CA LYS A 77 -13.43 -8.32 3.65
C LYS A 77 -14.25 -7.09 3.29
N ASN A 78 -15.53 -7.29 2.99
CA ASN A 78 -16.45 -6.18 2.70
C ASN A 78 -15.89 -5.19 1.67
N ASN A 79 -15.24 -5.75 0.63
CA ASN A 79 -14.85 -4.98 -0.54
C ASN A 79 -13.71 -4.01 -0.22
N GLU A 80 -12.90 -4.36 0.76
CA GLU A 80 -11.72 -3.61 1.13
C GLU A 80 -10.61 -4.58 1.44
N ILE A 81 -9.39 -4.12 1.31
CA ILE A 81 -8.22 -4.85 1.77
C ILE A 81 -8.10 -4.65 3.27
N ALA A 82 -8.41 -5.65 4.08
CA ALA A 82 -8.45 -5.48 5.53
C ALA A 82 -7.04 -5.39 6.09
N ALA A 83 -6.18 -6.30 5.67
CA ALA A 83 -4.81 -6.34 6.15
C ALA A 83 -3.93 -7.09 5.16
N ALA A 84 -2.63 -6.89 5.29
CA ALA A 84 -1.61 -7.58 4.52
C ALA A 84 -0.62 -8.27 5.44
N ALA A 85 0.15 -9.19 4.88
CA ALA A 85 1.18 -9.89 5.65
C ALA A 85 0.56 -10.70 6.79
N CYS A 86 -0.61 -11.30 6.55
CA CYS A 86 -1.31 -12.06 7.55
C CYS A 86 -0.87 -13.53 7.53
N TYR A 87 -0.95 -14.13 8.70
CA TYR A 87 -0.73 -15.55 8.88
C TYR A 87 -1.96 -16.31 8.43
N LEU A 88 -1.73 -17.45 7.76
CA LEU A 88 -2.77 -18.42 7.48
C LEU A 88 -2.21 -19.78 7.88
N PRO A 89 -3.07 -20.70 8.31
CA PRO A 89 -2.58 -21.98 8.79
C PRO A 89 -2.18 -22.90 7.67
N LEU A 90 -1.09 -23.62 7.87
CA LEU A 90 -0.59 -24.50 6.83
C LEU A 90 -1.40 -25.80 6.84
N SER A 91 -1.91 -26.21 5.67
CA SER A 91 -2.55 -27.51 5.56
C SER A 91 -1.54 -28.61 5.80
N GLU A 92 -2.02 -29.70 6.43
CA GLU A 92 -1.32 -30.97 6.50
C GLU A 92 -1.88 -32.01 5.53
N SER A 93 -2.67 -31.57 4.57
CA SER A 93 -3.25 -32.51 3.60
C SER A 93 -2.17 -33.22 2.80
N PRO A 94 -2.24 -34.55 2.65
CA PRO A 94 -1.26 -35.27 1.84
C PRO A 94 -1.58 -35.25 0.35
N PHE A 95 -2.60 -34.49 -0.05
CA PHE A 95 -3.17 -34.59 -1.40
C PHE A 95 -2.93 -33.35 -2.22
N ILE A 96 -2.06 -32.49 -1.77
CA ILE A 96 -1.61 -31.32 -2.49
C ILE A 96 -0.45 -31.75 -3.37
N SER A 97 -0.44 -31.30 -4.63
CA SER A 97 0.67 -31.53 -5.54
C SER A 97 2.00 -31.36 -4.82
N LYS A 98 2.87 -32.38 -4.92
CA LYS A 98 4.07 -32.36 -4.11
C LYS A 98 5.04 -31.26 -4.50
N GLU A 99 4.89 -30.66 -5.69
CA GLU A 99 5.83 -29.63 -6.09
C GLU A 99 5.55 -28.27 -5.47
N LEU A 100 4.43 -28.13 -4.79
CA LEU A 100 4.00 -26.86 -4.26
C LEU A 100 4.51 -26.67 -2.83
N GLY A 101 4.71 -25.40 -2.48
CA GLY A 101 5.28 -25.04 -1.20
C GLY A 101 4.31 -24.29 -0.31
N THR A 102 4.86 -23.44 0.56
CA THR A 102 4.08 -23.01 1.72
C THR A 102 2.94 -22.05 1.37
N ARG A 103 3.07 -21.21 0.34
CA ARG A 103 1.95 -20.35 -0.07
C ARG A 103 0.69 -21.18 -0.34
N HIS A 104 0.86 -22.23 -1.15
CA HIS A 104 -0.28 -23.05 -1.52
C HIS A 104 -0.79 -23.83 -0.33
N ARG A 105 0.10 -24.31 0.54
CA ARG A 105 -0.37 -25.04 1.73
C ARG A 105 -1.11 -24.12 2.68
N ALA A 106 -0.68 -22.86 2.81
CA ALA A 106 -1.40 -21.87 3.62
C ALA A 106 -2.78 -21.64 3.04
N ALA A 107 -2.86 -21.47 1.72
CA ALA A 107 -4.16 -21.26 1.08
C ALA A 107 -5.09 -22.44 1.34
N VAL A 108 -4.61 -23.65 1.10
CA VAL A 108 -5.44 -24.81 1.37
C VAL A 108 -5.83 -24.84 2.84
N GLY A 109 -4.88 -24.55 3.73
CA GLY A 109 -5.13 -24.60 5.16
C GLY A 109 -6.27 -23.71 5.59
N ILE A 110 -6.26 -22.45 5.16
CA ILE A 110 -7.36 -21.56 5.52
C ILE A 110 -8.68 -22.06 4.91
N SER A 111 -8.64 -22.65 3.72
CA SER A 111 -9.86 -23.15 3.07
C SER A 111 -10.44 -24.37 3.75
N GLU A 112 -9.66 -25.05 4.61
CA GLU A 112 -10.14 -26.22 5.36
C GLU A 112 -11.05 -25.82 6.53
N VAL A 113 -10.88 -24.60 7.03
CA VAL A 113 -11.55 -24.17 8.25
C VAL A 113 -12.39 -22.92 8.07
N THR A 114 -12.58 -22.48 6.83
CA THR A 114 -13.44 -21.36 6.53
C THR A 114 -14.08 -21.61 5.18
N ASP A 115 -15.10 -20.82 4.85
CA ASP A 115 -15.71 -20.85 3.51
C ASP A 115 -15.07 -19.83 2.56
N SER A 116 -13.86 -19.36 2.88
CA SER A 116 -13.24 -18.30 2.11
C SER A 116 -12.73 -18.82 0.79
N LEU A 117 -12.40 -17.92 -0.14
CA LEU A 117 -11.78 -18.27 -1.41
C LEU A 117 -10.40 -17.63 -1.40
N THR A 118 -9.36 -18.40 -1.63
CA THR A 118 -7.99 -17.89 -1.69
C THR A 118 -7.43 -18.06 -3.08
N ILE A 119 -6.81 -17.00 -3.60
CA ILE A 119 -6.09 -16.99 -4.86
C ILE A 119 -4.59 -17.05 -4.56
N ILE A 120 -3.87 -17.91 -5.29
CA ILE A 120 -2.43 -18.09 -5.16
C ILE A 120 -1.81 -17.86 -6.52
N VAL A 121 -0.73 -17.04 -6.56
CA VAL A 121 0.14 -17.01 -7.73
C VAL A 121 1.45 -17.67 -7.36
N SER A 122 1.87 -18.64 -8.16
CA SER A 122 3.15 -19.29 -7.92
C SER A 122 4.33 -18.40 -8.29
N GLU A 123 5.29 -18.32 -7.39
CA GLU A 123 6.55 -17.67 -7.75
C GLU A 123 7.45 -18.52 -8.64
N GLU A 124 7.19 -19.84 -8.73
CA GLU A 124 8.01 -20.69 -9.58
C GLU A 124 7.53 -20.59 -11.02
N THR A 125 6.21 -20.58 -11.24
CA THR A 125 5.66 -20.73 -12.58
C THR A 125 4.77 -19.59 -13.05
N GLY A 126 4.33 -18.72 -12.16
CA GLY A 126 3.28 -17.79 -12.52
C GLY A 126 1.91 -18.43 -12.59
N GLY A 127 1.78 -19.71 -12.28
CA GLY A 127 0.49 -20.36 -12.32
C GLY A 127 -0.44 -19.78 -11.27
N VAL A 128 -1.72 -19.72 -11.63
CA VAL A 128 -2.76 -19.17 -10.77
C VAL A 128 -3.64 -20.33 -10.28
N SER A 129 -3.88 -20.36 -8.98
CA SER A 129 -4.72 -21.40 -8.41
C SER A 129 -5.67 -20.79 -7.41
N VAL A 130 -6.66 -21.56 -6.99
CA VAL A 130 -7.67 -21.14 -6.03
C VAL A 130 -7.89 -22.26 -5.03
N ALA A 131 -7.94 -21.93 -3.76
CA ALA A 131 -8.22 -22.87 -2.69
C ALA A 131 -9.61 -22.57 -2.13
N LYS A 132 -10.42 -23.62 -2.03
CA LYS A 132 -11.75 -23.54 -1.47
C LYS A 132 -12.11 -24.93 -0.95
N ASN A 133 -12.66 -24.98 0.26
CA ASN A 133 -13.20 -26.23 0.82
C ASN A 133 -12.15 -27.30 1.01
N GLY A 134 -10.86 -26.95 1.12
CA GLY A 134 -9.81 -27.93 1.29
C GLY A 134 -9.19 -28.44 0.01
N ASP A 135 -9.65 -27.96 -1.14
CA ASP A 135 -9.11 -28.34 -2.43
C ASP A 135 -8.48 -27.16 -3.15
N LEU A 136 -7.47 -27.48 -3.92
CA LEU A 136 -6.77 -26.51 -4.72
C LEU A 136 -7.04 -26.78 -6.18
N HIS A 137 -7.47 -25.76 -6.88
CA HIS A 137 -7.78 -25.78 -8.30
C HIS A 137 -6.68 -25.08 -9.04
N ARG A 138 -5.89 -25.83 -9.81
CA ARG A 138 -4.62 -25.34 -10.33
C ARG A 138 -4.71 -24.91 -11.79
N GLU A 139 -3.69 -24.14 -12.20
CA GLU A 139 -3.44 -23.74 -13.58
C GLU A 139 -4.70 -23.16 -14.22
N LEU A 140 -5.20 -22.13 -13.56
CA LEU A 140 -6.40 -21.47 -14.03
C LEU A 140 -6.11 -20.45 -15.12
N THR A 141 -7.00 -20.40 -16.09
CA THR A 141 -7.05 -19.30 -17.02
C THR A 141 -7.67 -18.08 -16.36
N GLU A 142 -7.60 -16.97 -17.08
CA GLU A 142 -8.17 -15.74 -16.58
C GLU A 142 -9.67 -15.89 -16.46
N GLU A 143 -10.26 -16.50 -17.50
CA GLU A 143 -11.68 -16.72 -17.53
C GLU A 143 -12.12 -17.63 -16.41
N ALA A 144 -11.33 -18.67 -16.10
CA ALA A 144 -11.68 -19.59 -15.03
C ALA A 144 -11.67 -18.87 -13.68
N LEU A 145 -10.65 -18.07 -13.43
CA LEU A 145 -10.60 -17.35 -12.16
C LEU A 145 -11.80 -16.42 -12.05
N LYS A 146 -12.11 -15.67 -13.12
CA LYS A 146 -13.26 -14.77 -13.07
C LYS A 146 -14.57 -15.53 -12.75
N GLU A 147 -14.75 -16.70 -13.37
CA GLU A 147 -15.96 -17.46 -13.09
C GLU A 147 -16.02 -17.87 -11.63
N MET A 148 -14.88 -18.25 -11.05
CA MET A 148 -14.89 -18.62 -9.64
C MET A 148 -15.25 -17.44 -8.78
N LEU A 149 -14.68 -16.28 -9.11
CA LEU A 149 -15.02 -15.09 -8.34
C LEU A 149 -16.49 -14.72 -8.51
N GLU A 150 -17.03 -14.82 -9.72
CA GLU A 150 -18.45 -14.52 -9.87
C GLU A 150 -19.32 -15.55 -9.13
N ALA A 151 -18.92 -16.81 -9.14
CA ALA A 151 -19.68 -17.85 -8.48
C ALA A 151 -19.63 -17.69 -6.97
N PRO B 2 -2.32 12.71 27.68
CA PRO B 2 -2.16 11.55 26.78
C PRO B 2 -3.49 11.14 26.17
N THR B 3 -4.14 12.00 25.36
CA THR B 3 -5.44 11.63 24.82
C THR B 3 -5.27 10.64 23.67
N PRO B 4 -6.32 9.91 23.31
CA PRO B 4 -6.19 9.07 22.11
C PRO B 4 -5.77 9.82 20.85
N VAL B 5 -6.29 11.02 20.63
CA VAL B 5 -5.87 11.81 19.47
C VAL B 5 -4.36 12.05 19.48
N GLU B 6 -3.82 12.46 20.64
CA GLU B 6 -2.38 12.69 20.72
C GLU B 6 -1.57 11.42 20.49
N GLU B 7 -2.01 10.30 21.04
CA GLU B 7 -1.31 9.04 20.85
C GLU B 7 -1.36 8.62 19.38
N ALA B 8 -2.50 8.82 18.73
CA ALA B 8 -2.61 8.48 17.32
C ALA B 8 -1.68 9.33 16.47
N GLN B 9 -1.59 10.62 16.80
CA GLN B 9 -0.66 11.46 16.06
C GLN B 9 0.76 10.95 16.21
N GLN B 10 1.13 10.56 17.45
CA GLN B 10 2.49 10.09 17.73
C GLN B 10 2.77 8.79 16.98
N LYS B 11 1.78 7.88 16.89
CA LYS B 11 1.95 6.65 16.11
C LYS B 11 2.11 6.96 14.61
N THR B 12 1.34 7.93 14.10
CA THR B 12 1.48 8.32 12.70
C THR B 12 2.86 8.92 12.41
N ILE B 13 3.34 9.80 13.31
CA ILE B 13 4.67 10.40 13.12
C ILE B 13 5.73 9.33 13.14
N GLU B 14 5.62 8.36 14.07
CA GLU B 14 6.59 7.25 14.11
C GLU B 14 6.57 6.44 12.80
N ALA B 15 5.38 6.17 12.26
CA ALA B 15 5.28 5.44 11.00
C ALA B 15 5.94 6.23 9.86
N ILE B 16 5.65 7.53 9.78
CA ILE B 16 6.23 8.33 8.71
C ILE B 16 7.75 8.38 8.82
N THR B 17 8.24 8.67 10.01
CA THR B 17 9.69 8.80 10.14
C THR B 17 10.40 7.48 9.89
N LYS B 18 9.82 6.35 10.33
CA LYS B 18 10.44 5.06 10.00
C LYS B 18 10.51 4.85 8.49
N ALA B 19 9.41 5.17 7.77
CA ALA B 19 9.39 4.96 6.34
C ALA B 19 10.39 5.86 5.63
N ILE B 20 10.40 7.16 6.02
CA ILE B 20 11.30 8.11 5.37
C ILE B 20 12.76 7.72 5.62
N ASN B 21 13.09 7.29 6.84
CA ASN B 21 14.47 6.88 7.15
C ASN B 21 14.87 5.70 6.27
N TYR B 22 13.98 4.73 6.12
CA TYR B 22 14.26 3.57 5.28
C TYR B 22 14.50 3.98 3.84
N MET B 23 13.62 4.80 3.29
CA MET B 23 13.75 5.21 1.89
C MET B 23 15.00 6.03 1.66
N ALA B 24 15.31 6.92 2.61
CA ALA B 24 16.50 7.75 2.47
C ALA B 24 17.75 6.88 2.36
N LYS B 25 17.85 5.86 3.22
CA LYS B 25 19.02 4.97 3.21
C LYS B 25 19.17 4.23 1.90
N ARG B 26 18.06 3.96 1.20
CA ARG B 26 18.04 3.18 -0.04
C ARG B 26 17.90 4.06 -1.27
N ARG B 27 17.91 5.39 -1.08
CA ARG B 27 17.79 6.31 -2.22
C ARG B 27 16.49 6.05 -3.00
N ILE B 28 15.41 5.75 -2.27
CA ILE B 28 14.08 5.54 -2.84
C ILE B 28 13.43 6.91 -2.86
N GLY B 29 13.19 7.42 -4.06
CA GLY B 29 12.52 8.70 -4.18
C GLY B 29 11.12 8.63 -3.59
N ALA B 30 10.71 9.72 -2.94
CA ALA B 30 9.39 9.72 -2.31
C ALA B 30 8.90 11.13 -2.18
N LEU B 31 7.58 11.26 -2.15
CA LEU B 31 6.93 12.57 -2.16
C LEU B 31 5.67 12.37 -1.32
N LEU B 32 5.61 12.94 -0.13
CA LEU B 32 4.60 12.67 0.89
C LEU B 32 4.05 13.98 1.45
N THR B 33 2.80 14.31 1.12
CA THR B 33 2.18 15.56 1.52
C THR B 33 1.18 15.29 2.64
N ILE B 34 1.30 16.01 3.74
CA ILE B 34 0.40 15.91 4.88
C ILE B 34 -0.54 17.08 4.85
N GLU B 35 -1.82 16.84 4.62
CA GLU B 35 -2.82 17.89 4.61
C GLU B 35 -2.92 18.49 6.00
N ARG B 36 -3.08 19.82 6.08
CA ARG B 36 -3.31 20.49 7.36
C ARG B 36 -4.69 21.15 7.31
N ASP B 37 -4.78 22.48 7.48
CA ASP B 37 -6.10 23.07 7.51
C ASP B 37 -6.64 23.47 6.15
N THR B 38 -5.82 23.62 5.13
CA THR B 38 -6.30 23.87 3.79
C THR B 38 -6.61 22.53 3.12
N GLY B 39 -7.86 22.33 2.73
CA GLY B 39 -8.24 21.05 2.19
C GLY B 39 -7.55 20.77 0.87
N MET B 40 -7.18 19.51 0.68
CA MET B 40 -6.47 19.10 -0.52
C MET B 40 -7.30 18.19 -1.42
N GLY B 41 -8.62 18.20 -1.28
CA GLY B 41 -9.44 17.28 -2.05
C GLY B 41 -9.16 17.26 -3.54
N ASP B 42 -9.00 18.42 -4.15
CA ASP B 42 -8.84 18.49 -5.59
C ASP B 42 -7.60 17.71 -6.04
N TYR B 43 -6.55 17.70 -5.20
CA TYR B 43 -5.34 16.96 -5.49
C TYR B 43 -5.47 15.48 -5.15
N ILE B 44 -6.10 15.17 -4.03
CA ILE B 44 -6.36 13.78 -3.64
C ILE B 44 -7.13 13.05 -4.72
N GLU B 45 -8.10 13.72 -5.33
CA GLU B 45 -8.92 13.13 -6.38
C GLU B 45 -8.20 12.84 -7.68
N THR B 46 -7.00 13.36 -7.86
CA THR B 46 -6.23 13.03 -9.04
C THR B 46 -5.48 11.69 -8.92
N GLY B 47 -5.36 11.13 -7.72
CA GLY B 47 -4.59 9.92 -7.48
C GLY B 47 -5.46 8.67 -7.44
N ILE B 48 -4.83 7.58 -7.02
CA ILE B 48 -5.51 6.31 -6.77
C ILE B 48 -6.04 6.36 -5.34
N PRO B 49 -7.32 6.15 -5.07
CA PRO B 49 -7.80 6.22 -3.71
C PRO B 49 -7.32 5.02 -2.93
N LEU B 50 -6.85 5.27 -1.71
CA LEU B 50 -6.53 4.23 -0.74
C LEU B 50 -7.39 4.33 0.51
N ASN B 51 -7.48 5.51 1.12
CA ASN B 51 -8.16 5.68 2.40
C ASN B 51 -7.69 4.64 3.42
N ALA B 52 -6.36 4.45 3.50
CA ALA B 52 -5.79 3.33 4.22
C ALA B 52 -5.26 3.79 5.56
N LYS B 53 -5.29 2.91 6.54
CA LYS B 53 -4.58 3.16 7.80
C LYS B 53 -3.09 3.32 7.52
N VAL B 54 -2.44 4.22 8.27
CA VAL B 54 -1.00 4.46 8.08
C VAL B 54 -0.21 3.29 8.65
N SER B 55 0.85 2.92 7.95
CA SER B 55 1.92 2.09 8.50
C SER B 55 3.19 2.45 7.77
N SER B 56 4.32 2.21 8.43
CA SER B 56 5.59 2.43 7.74
C SER B 56 5.69 1.47 6.56
N GLU B 57 5.17 0.25 6.75
CA GLU B 57 5.27 -0.79 5.72
C GLU B 57 4.53 -0.36 4.45
N LEU B 58 3.31 0.15 4.61
CA LEU B 58 2.56 0.58 3.44
C LEU B 58 3.24 1.76 2.74
N LEU B 59 3.71 2.75 3.49
CA LEU B 59 4.40 3.88 2.88
C LEU B 59 5.58 3.42 2.05
N ILE B 60 6.38 2.52 2.60
CA ILE B 60 7.54 2.04 1.88
C ILE B 60 7.10 1.32 0.61
N ASN B 61 6.12 0.40 0.73
CA ASN B 61 5.70 -0.37 -0.43
C ASN B 61 5.24 0.58 -1.55
N ILE B 62 4.53 1.67 -1.19
CA ILE B 62 3.98 2.57 -2.20
C ILE B 62 5.07 3.09 -3.11
N PHE B 63 6.22 3.48 -2.54
CA PHE B 63 7.26 4.17 -3.27
C PHE B 63 8.34 3.29 -3.90
N ILE B 64 8.19 1.97 -3.83
CA ILE B 64 9.21 1.13 -4.46
C ILE B 64 9.30 1.46 -5.96
N PRO B 65 10.49 1.72 -6.49
CA PRO B 65 10.57 2.09 -7.91
C PRO B 65 9.96 1.05 -8.84
N ASN B 66 9.47 1.53 -9.97
CA ASN B 66 8.89 0.72 -11.05
C ASN B 66 7.62 -0.02 -10.66
N THR B 67 6.86 0.56 -9.75
CA THR B 67 5.61 -0.03 -9.34
C THR B 67 4.48 0.90 -9.69
N PRO B 68 3.24 0.42 -9.69
CA PRO B 68 2.15 1.31 -10.10
C PRO B 68 1.99 2.59 -9.29
N LEU B 69 2.24 2.55 -8.00
CA LEU B 69 1.91 3.69 -7.15
C LEU B 69 3.08 4.64 -6.87
N HIS B 70 4.26 4.37 -7.42
CA HIS B 70 5.41 5.12 -6.96
C HIS B 70 5.56 6.52 -7.58
N ASP B 71 4.93 6.81 -8.72
CA ASP B 71 5.10 8.13 -9.33
C ASP B 71 3.95 9.04 -8.97
N GLY B 72 4.28 10.16 -8.39
CA GLY B 72 3.32 11.12 -7.90
C GLY B 72 3.35 11.12 -6.39
N ALA B 73 2.49 11.94 -5.83
CA ALA B 73 2.51 12.19 -4.40
C ALA B 73 1.57 11.25 -3.64
N VAL B 74 1.97 10.86 -2.46
CA VAL B 74 1.04 10.36 -1.43
C VAL B 74 0.51 11.55 -0.68
N ILE B 75 -0.80 11.59 -0.46
CA ILE B 75 -1.41 12.62 0.35
C ILE B 75 -2.07 11.97 1.55
N MET B 76 -1.65 12.38 2.74
CA MET B 76 -2.17 11.92 4.01
C MET B 76 -3.16 12.93 4.58
N LYS B 77 -4.23 12.37 5.16
CA LYS B 77 -5.26 13.13 5.83
C LYS B 77 -5.33 12.45 7.17
N ASN B 78 -4.82 13.20 8.17
CA ASN B 78 -4.70 12.92 9.59
C ASN B 78 -3.98 11.60 9.67
N ASN B 79 -4.67 10.55 10.10
CA ASN B 79 -4.01 9.29 10.35
C ASN B 79 -4.26 8.29 9.23
N GLU B 80 -4.56 8.77 8.03
CA GLU B 80 -4.78 7.90 6.88
C GLU B 80 -3.95 8.33 5.68
N ILE B 81 -3.63 7.34 4.85
CA ILE B 81 -3.11 7.58 3.52
C ILE B 81 -4.31 7.73 2.60
N ALA B 82 -4.66 8.95 2.20
CA ALA B 82 -5.87 9.17 1.42
C ALA B 82 -5.74 8.66 0.00
N ALA B 83 -4.62 8.92 -0.67
CA ALA B 83 -4.44 8.55 -2.05
C ALA B 83 -2.96 8.55 -2.36
N ALA B 84 -2.61 7.81 -3.40
CA ALA B 84 -1.23 7.78 -3.90
C ALA B 84 -1.21 8.14 -5.39
N ALA B 85 -0.01 8.40 -5.91
CA ALA B 85 0.14 8.78 -7.32
C ALA B 85 -0.67 10.02 -7.67
N CYS B 86 -0.69 10.99 -6.76
CA CYS B 86 -1.44 12.21 -6.95
C CYS B 86 -0.58 13.25 -7.69
N TYR B 87 -1.28 14.09 -8.43
CA TYR B 87 -0.71 15.28 -9.04
C TYR B 87 -0.64 16.41 -8.04
N LEU B 88 0.47 17.14 -8.07
CA LEU B 88 0.71 18.37 -7.37
C LEU B 88 1.23 19.39 -8.36
N PRO B 89 0.92 20.66 -8.15
CA PRO B 89 1.35 21.70 -9.09
C PRO B 89 2.84 21.99 -8.89
N LEU B 90 3.50 22.25 -10.01
CA LEU B 90 4.94 22.50 -10.02
C LEU B 90 5.25 23.97 -9.71
N SER B 91 6.12 24.19 -8.71
CA SER B 91 6.54 25.55 -8.41
C SER B 91 7.48 26.05 -9.51
N GLU B 92 7.39 27.35 -9.79
CA GLU B 92 8.38 28.07 -10.58
C GLU B 92 9.29 28.94 -9.71
N SER B 93 9.40 28.60 -8.44
CA SER B 93 10.26 29.42 -7.57
C SER B 93 11.71 29.34 -8.00
N PRO B 94 12.43 30.47 -8.00
CA PRO B 94 13.87 30.45 -8.32
C PRO B 94 14.73 29.89 -7.17
N PHE B 95 14.17 29.67 -5.98
CA PHE B 95 14.91 29.18 -4.82
C PHE B 95 14.95 27.67 -4.69
N ILE B 96 14.58 26.96 -5.73
CA ILE B 96 14.66 25.52 -5.76
C ILE B 96 15.97 25.20 -6.44
N SER B 97 16.88 24.51 -5.73
CA SER B 97 18.19 24.17 -6.28
C SER B 97 18.03 23.58 -7.68
N LYS B 98 18.85 24.05 -8.61
CA LYS B 98 18.58 23.74 -10.01
C LYS B 98 18.75 22.25 -10.29
N GLU B 99 19.56 21.55 -9.50
CA GLU B 99 19.79 20.12 -9.71
C GLU B 99 18.57 19.28 -9.33
N LEU B 100 17.60 19.82 -8.63
CA LEU B 100 16.46 19.05 -8.14
C LEU B 100 15.41 18.80 -9.21
N GLY B 101 14.77 17.65 -9.09
CA GLY B 101 13.83 17.18 -10.08
C GLY B 101 12.39 17.52 -9.72
N THR B 102 11.48 16.82 -10.40
CA THR B 102 10.06 17.18 -10.35
C THR B 102 9.45 16.98 -8.96
N ARG B 103 9.92 15.99 -8.19
CA ARG B 103 9.32 15.77 -6.87
C ARG B 103 9.49 17.01 -5.98
N HIS B 104 10.69 17.62 -5.97
CA HIS B 104 10.91 18.80 -5.16
C HIS B 104 10.12 20.00 -5.66
N ARG B 105 9.98 20.14 -6.98
CA ARG B 105 9.22 21.26 -7.53
C ARG B 105 7.73 21.10 -7.25
N ALA B 106 7.23 19.85 -7.30
CA ALA B 106 5.84 19.58 -6.92
C ALA B 106 5.61 19.89 -5.45
N ALA B 107 6.52 19.45 -4.59
CA ALA B 107 6.39 19.71 -3.15
C ALA B 107 6.32 21.19 -2.87
N VAL B 108 7.26 21.97 -3.39
CA VAL B 108 7.20 23.41 -3.17
C VAL B 108 5.92 23.98 -3.78
N GLY B 109 5.51 23.48 -4.94
CA GLY B 109 4.28 23.96 -5.58
C GLY B 109 3.06 23.81 -4.69
N ILE B 110 2.86 22.62 -4.13
CA ILE B 110 1.69 22.47 -3.26
C ILE B 110 1.81 23.34 -2.02
N SER B 111 3.04 23.55 -1.54
CA SER B 111 3.25 24.34 -0.34
C SER B 111 3.01 25.83 -0.56
N GLU B 112 2.93 26.28 -1.81
CA GLU B 112 2.63 27.67 -2.12
C GLU B 112 1.13 27.97 -2.08
N VAL B 113 0.27 26.94 -2.08
CA VAL B 113 -1.18 27.14 -2.22
C VAL B 113 -1.94 26.42 -1.11
N THR B 114 -1.23 25.87 -0.14
CA THR B 114 -1.80 25.22 1.01
C THR B 114 -0.86 25.44 2.17
N ASP B 115 -1.33 25.11 3.36
CA ASP B 115 -0.55 25.06 4.58
C ASP B 115 -0.03 23.66 4.85
N SER B 116 -0.02 22.81 3.84
CA SER B 116 0.41 21.43 4.07
C SER B 116 1.92 21.35 4.32
N LEU B 117 2.35 20.20 4.83
CA LEU B 117 3.78 19.91 5.00
C LEU B 117 4.11 18.76 4.07
N THR B 118 5.11 18.92 3.21
CA THR B 118 5.49 17.85 2.28
C THR B 118 6.93 17.42 2.55
N ILE B 119 7.14 16.15 2.60
CA ILE B 119 8.44 15.51 2.77
C ILE B 119 8.85 14.94 1.44
N ILE B 120 10.14 15.12 1.09
CA ILE B 120 10.70 14.64 -0.16
C ILE B 120 11.95 13.83 0.18
N VAL B 121 12.08 12.66 -0.41
CA VAL B 121 13.34 11.90 -0.41
C VAL B 121 13.91 11.97 -1.83
N SER B 122 15.17 12.40 -1.94
CA SER B 122 15.82 12.44 -3.24
C SER B 122 16.28 11.05 -3.69
N GLU B 123 15.92 10.66 -4.94
CA GLU B 123 16.45 9.42 -5.50
C GLU B 123 17.93 9.55 -5.86
N GLU B 124 18.43 10.78 -5.97
CA GLU B 124 19.82 10.95 -6.35
C GLU B 124 20.75 10.78 -5.15
N THR B 125 20.41 11.43 -4.02
CA THR B 125 21.29 11.48 -2.87
C THR B 125 20.77 10.80 -1.64
N GLY B 126 19.47 10.52 -1.56
CA GLY B 126 18.92 10.08 -0.32
C GLY B 126 18.57 11.18 0.64
N GLY B 127 18.89 12.43 0.29
CA GLY B 127 18.64 13.56 1.19
C GLY B 127 17.15 13.76 1.42
N VAL B 128 16.82 14.21 2.62
CA VAL B 128 15.44 14.42 3.00
C VAL B 128 15.21 15.93 3.10
N SER B 129 14.10 16.37 2.54
CA SER B 129 13.77 17.77 2.57
C SER B 129 12.30 17.93 2.91
N VAL B 130 11.95 19.13 3.37
CA VAL B 130 10.57 19.49 3.62
C VAL B 130 10.19 20.79 2.93
N ALA B 131 8.99 20.85 2.35
CA ALA B 131 8.42 22.04 1.77
C ALA B 131 7.26 22.50 2.61
N LYS B 132 7.28 23.80 2.96
CA LYS B 132 6.20 24.42 3.74
C LYS B 132 6.20 25.90 3.42
N ASN B 133 5.02 26.41 3.11
CA ASN B 133 4.82 27.82 2.87
C ASN B 133 5.75 28.40 1.80
N GLY B 134 6.02 27.64 0.76
CA GLY B 134 6.81 28.06 -0.34
C GLY B 134 8.30 27.90 -0.19
N ASP B 135 8.76 27.43 0.96
CA ASP B 135 10.18 27.25 1.27
C ASP B 135 10.54 25.78 1.31
N LEU B 136 11.70 25.47 0.76
CA LEU B 136 12.25 24.14 0.80
C LEU B 136 13.44 24.13 1.77
N HIS B 137 13.41 23.23 2.74
CA HIS B 137 14.47 23.03 3.73
C HIS B 137 15.10 21.68 3.45
N ARG B 138 16.37 21.65 3.11
CA ARG B 138 17.03 20.44 2.63
C ARG B 138 17.92 19.80 3.68
N GLU B 139 18.35 18.57 3.33
CA GLU B 139 19.41 17.85 4.03
C GLU B 139 19.10 17.66 5.53
N LEU B 140 17.84 17.30 5.83
CA LEU B 140 17.39 17.20 7.19
C LEU B 140 17.93 15.95 7.86
N THR B 141 18.34 16.09 9.11
CA THR B 141 18.66 14.94 9.93
C THR B 141 17.36 14.24 10.34
N GLU B 142 17.50 12.98 10.77
CA GLU B 142 16.33 12.27 11.24
C GLU B 142 15.69 13.06 12.38
N GLU B 143 16.52 13.60 13.28
CA GLU B 143 15.99 14.32 14.44
C GLU B 143 15.23 15.57 13.98
N ALA B 144 15.78 16.30 13.01
CA ALA B 144 15.11 17.52 12.59
C ALA B 144 13.78 17.22 11.92
N LEU B 145 13.70 16.16 11.11
CA LEU B 145 12.42 15.82 10.52
C LEU B 145 11.39 15.53 11.61
N LYS B 146 11.77 14.72 12.61
CA LYS B 146 10.79 14.30 13.61
C LYS B 146 10.32 15.52 14.40
N GLU B 147 11.23 16.43 14.71
CA GLU B 147 10.85 17.63 15.43
C GLU B 147 9.93 18.51 14.60
N MET B 148 10.18 18.61 13.28
N MET B 148 10.15 18.57 13.29
CA MET B 148 9.28 19.39 12.43
CA MET B 148 9.21 19.29 12.44
C MET B 148 7.89 18.77 12.38
C MET B 148 7.77 18.80 12.61
N LEU B 149 7.82 17.44 12.28
N LEU B 149 7.55 17.49 12.61
CA LEU B 149 6.53 16.76 12.28
CA LEU B 149 6.15 17.01 12.61
C LEU B 149 5.81 16.98 13.60
C LEU B 149 5.43 17.37 13.91
N GLU B 150 6.57 16.86 14.70
N GLU B 150 5.98 16.97 15.06
CA GLU B 150 5.98 17.02 16.02
CA GLU B 150 5.34 17.40 16.30
C GLU B 150 5.40 18.42 16.19
C GLU B 150 5.09 18.89 16.29
N ALA B 151 6.08 19.43 15.64
N ALA B 151 6.07 19.68 15.85
CA ALA B 151 5.64 20.82 15.78
CA ALA B 151 6.01 21.13 15.98
C ALA B 151 4.44 21.12 14.90
C ALA B 151 5.42 21.84 14.76
N GLU B 152 4.35 20.47 13.75
N GLU B 152 5.84 21.46 13.55
CA GLU B 152 3.26 20.67 12.83
CA GLU B 152 5.50 22.24 12.37
C GLU B 152 1.95 20.16 13.43
C GLU B 152 4.06 21.89 12.01
C4 TJ1 C . -14.34 -8.76 -1.24
N1 TJ1 C . -13.54 -9.30 -3.21
O1 TJ1 C . -14.47 -8.33 0.08
N TJ1 C . -15.33 -9.20 -2.00
O TJ1 C . -13.21 -8.82 -1.98
C3 TJ1 C . -14.85 -9.51 -3.18
C1 TJ1 C . -15.67 -10.08 -4.32
C2 TJ1 C . -16.41 -8.97 -5.06
C TJ1 C . -14.75 -10.91 -5.23
MG MG D . 21.38 22.80 5.76
#